data_5AYT
#
_entry.id   5AYT
#
_cell.length_a   43.578
_cell.length_b   84.814
_cell.length_c   65.291
_cell.angle_alpha   90.00
_cell.angle_beta   90.00
_cell.angle_gamma   90.00
#
_symmetry.space_group_name_H-M   'P 21 21 2'
#
loop_
_entity.id
_entity.type
_entity.pdbx_description
1 polymer Transthyretin
2 non-polymer 2-oxidanyl-6-(phenylcarbonyl)benzo[de]isoquinoline-1,3-dione
3 water water
#
_entity_poly.entity_id   1
_entity_poly.type   'polypeptide(L)'
_entity_poly.pdbx_seq_one_letter_code
;MRGSHHHHHHGSMASHRLLLLCLAGLVFVSEAGPTGTGESKCPLMVKVLDAVRGSPAINVAVHVFRKAADDTWEPFASGK
TSESGELHGLTTEEEFVEGIYKVEIDTKSYWKALGISPFHEHAEVVFTANDSGPRRYTIAALLSPYSYSTTAVVTNPKE
;
_entity_poly.pdbx_strand_id   A,B
#
# COMPACT_ATOMS: atom_id res chain seq x y z
N CYS A 42 -11.85 -3.94 20.45
CA CYS A 42 -10.86 -4.72 19.63
CA CYS A 42 -10.90 -4.69 19.60
C CYS A 42 -9.55 -3.94 19.54
N PRO A 43 -8.42 -4.67 19.56
CA PRO A 43 -7.12 -4.03 19.37
C PRO A 43 -6.77 -3.71 17.90
N LEU A 44 -7.62 -4.14 16.97
CA LEU A 44 -7.39 -3.84 15.55
C LEU A 44 -8.72 -3.55 14.90
N MET A 45 -8.85 -2.34 14.32
CA MET A 45 -10.07 -1.90 13.61
C MET A 45 -9.64 -1.32 12.26
N VAL A 46 -10.41 -1.56 11.21
CA VAL A 46 -10.08 -1.00 9.88
C VAL A 46 -11.26 -0.14 9.45
N LYS A 47 -10.96 1.05 8.96
CA LYS A 47 -12.03 1.99 8.56
C LYS A 47 -11.74 2.41 7.14
N VAL A 48 -12.72 2.39 6.27
CA VAL A 48 -12.45 2.67 4.86
C VAL A 48 -13.49 3.73 4.41
N LEU A 49 -12.99 4.76 3.74
CA LEU A 49 -13.80 5.86 3.25
CA LEU A 49 -13.80 5.89 3.25
C LEU A 49 -13.66 6.04 1.74
N ASP A 50 -14.69 6.56 1.11
CA ASP A 50 -14.75 6.78 -0.32
C ASP A 50 -14.65 8.31 -0.57
N ALA A 51 -13.56 8.70 -1.22
CA ALA A 51 -13.28 10.10 -1.46
C ALA A 51 -14.04 10.68 -2.66
N VAL A 52 -14.70 9.83 -3.44
CA VAL A 52 -15.50 10.31 -4.60
C VAL A 52 -16.88 10.69 -4.10
N ARG A 53 -17.47 9.82 -3.29
CA ARG A 53 -18.86 10.02 -2.85
C ARG A 53 -18.89 10.72 -1.50
N GLY A 54 -17.77 10.79 -0.77
CA GLY A 54 -17.81 11.42 0.57
C GLY A 54 -18.60 10.58 1.54
N SER A 55 -18.27 9.30 1.63
CA SER A 55 -19.11 8.34 2.34
C SER A 55 -18.23 7.28 2.93
N PRO A 56 -18.73 6.53 3.91
CA PRO A 56 -18.07 5.25 4.19
C PRO A 56 -18.04 4.37 2.94
N ALA A 57 -17.03 3.52 2.85
CA ALA A 57 -16.91 2.51 1.83
C ALA A 57 -17.45 1.21 2.48
N ILE A 58 -18.67 0.86 2.09
CA ILE A 58 -19.42 -0.23 2.71
C ILE A 58 -19.13 -1.55 2.02
N ASN A 59 -19.17 -2.65 2.79
CA ASN A 59 -19.00 -4.01 2.25
C ASN A 59 -17.67 -4.27 1.52
N VAL A 60 -16.62 -3.61 1.95
CA VAL A 60 -15.29 -3.83 1.43
C VAL A 60 -14.64 -5.03 2.14
N ALA A 61 -14.15 -5.98 1.36
CA ALA A 61 -13.50 -7.19 1.96
C ALA A 61 -12.13 -6.81 2.48
N VAL A 62 -11.78 -7.34 3.65
CA VAL A 62 -10.47 -7.05 4.27
C VAL A 62 -9.92 -8.37 4.78
N HIS A 63 -8.69 -8.68 4.40
CA HIS A 63 -8.01 -9.92 4.86
C HIS A 63 -6.78 -9.53 5.65
N VAL A 64 -6.58 -10.16 6.81
CA VAL A 64 -5.41 -9.87 7.64
C VAL A 64 -4.55 -11.13 7.73
N PHE A 65 -3.23 -10.96 7.59
CA PHE A 65 -2.25 -12.05 7.65
C PHE A 65 -1.21 -11.70 8.67
N ARG A 66 -0.58 -12.74 9.23
CA ARG A 66 0.52 -12.51 10.17
C ARG A 66 1.73 -13.27 9.66
N LYS A 67 2.90 -12.64 9.67
CA LYS A 67 4.11 -13.34 9.24
C LYS A 67 4.51 -14.45 10.21
N ALA A 68 4.64 -15.67 9.69
CA ALA A 68 4.99 -16.84 10.50
C ALA A 68 6.50 -16.93 10.68
N ALA A 69 6.94 -17.81 11.57
CA ALA A 69 8.37 -17.96 11.84
C ALA A 69 9.15 -18.34 10.55
N ASP A 70 8.51 -19.08 9.64
CA ASP A 70 9.14 -19.44 8.35
C ASP A 70 9.05 -18.34 7.27
N ASP A 71 8.62 -17.14 7.67
CA ASP A 71 8.53 -15.98 6.75
C ASP A 71 7.34 -15.98 5.79
N THR A 72 6.45 -16.97 5.88
CA THR A 72 5.25 -16.96 5.05
C THR A 72 4.16 -16.12 5.75
N TRP A 73 3.16 -15.69 4.96
CA TRP A 73 1.98 -14.98 5.46
C TRP A 73 0.86 -15.92 5.84
N GLU A 74 0.61 -16.12 7.12
CA GLU A 74 -0.47 -16.98 7.57
C GLU A 74 -1.80 -16.20 7.69
N PRO A 75 -2.90 -16.74 7.19
CA PRO A 75 -4.19 -16.08 7.41
C PRO A 75 -4.43 -15.86 8.90
N PHE A 76 -4.85 -14.66 9.28
CA PHE A 76 -5.05 -14.25 10.65
C PHE A 76 -6.55 -13.94 10.96
N ALA A 77 -7.20 -13.18 10.09
CA ALA A 77 -8.59 -12.80 10.25
C ALA A 77 -9.09 -12.15 8.98
N SER A 78 -10.41 -12.14 8.76
CA SER A 78 -10.95 -11.39 7.66
C SER A 78 -12.34 -10.93 7.97
N GLY A 79 -12.86 -10.01 7.15
CA GLY A 79 -14.21 -9.51 7.37
C GLY A 79 -14.57 -8.50 6.30
N LYS A 80 -15.74 -7.90 6.41
CA LYS A 80 -16.17 -6.83 5.48
C LYS A 80 -16.54 -5.60 6.24
N THR A 81 -16.32 -4.42 5.65
CA THR A 81 -16.74 -3.19 6.34
C THR A 81 -18.28 -3.10 6.43
N SER A 82 -18.70 -2.52 7.53
CA SER A 82 -20.13 -2.33 7.82
C SER A 82 -20.67 -1.09 7.08
N GLU A 83 -21.92 -0.71 7.41
CA GLU A 83 -22.50 0.52 6.87
C GLU A 83 -21.77 1.78 7.28
N SER A 84 -20.99 1.72 8.34
CA SER A 84 -20.23 2.91 8.74
C SER A 84 -18.82 2.88 8.17
N GLY A 85 -18.54 1.90 7.31
CA GLY A 85 -17.22 1.75 6.69
C GLY A 85 -16.19 1.18 7.69
N GLU A 86 -16.63 0.69 8.83
CA GLU A 86 -15.72 0.15 9.86
C GLU A 86 -15.82 -1.38 9.91
N LEU A 87 -14.70 -1.99 10.30
CA LEU A 87 -14.65 -3.44 10.51
C LEU A 87 -14.05 -3.67 11.87
N HIS A 88 -14.93 -4.16 12.75
CA HIS A 88 -14.61 -4.41 14.17
C HIS A 88 -14.56 -5.90 14.43
N GLY A 89 -13.96 -6.27 15.54
CA GLY A 89 -13.99 -7.68 15.98
C GLY A 89 -13.04 -8.64 15.30
N LEU A 90 -12.04 -8.12 14.61
CA LEU A 90 -11.15 -9.00 13.86
C LEU A 90 -10.36 -9.95 14.82
N THR A 91 -10.00 -9.41 15.98
CA THR A 91 -9.11 -10.16 16.88
C THR A 91 -9.32 -9.78 18.32
N THR A 92 -8.57 -10.41 19.20
CA THR A 92 -8.64 -10.14 20.62
C THR A 92 -7.24 -9.71 21.10
N GLU A 93 -7.19 -9.08 22.28
CA GLU A 93 -5.92 -8.71 22.88
C GLU A 93 -4.97 -9.89 23.08
N GLU A 94 -5.49 -11.06 23.45
CA GLU A 94 -4.56 -12.19 23.66
C GLU A 94 -4.11 -12.82 22.36
N GLU A 95 -4.96 -12.80 21.31
CA GLU A 95 -4.55 -13.41 20.05
C GLU A 95 -3.58 -12.53 19.26
N PHE A 96 -3.71 -11.22 19.45
CA PHE A 96 -2.99 -10.21 18.67
C PHE A 96 -1.62 -9.96 19.30
N VAL A 97 -0.76 -10.96 19.16
CA VAL A 97 0.53 -10.90 19.82
C VAL A 97 1.50 -10.04 18.98
N GLU A 98 2.71 -9.83 19.47
CA GLU A 98 3.75 -9.18 18.61
C GLU A 98 3.87 -9.90 17.28
N GLY A 99 4.09 -9.15 16.21
CA GLY A 99 4.42 -9.75 14.94
C GLY A 99 4.32 -8.74 13.81
N ILE A 100 4.57 -9.19 12.62
CA ILE A 100 4.38 -8.36 11.42
C ILE A 100 3.07 -8.81 10.80
N TYR A 101 2.16 -7.83 10.63
CA TYR A 101 0.82 -8.04 10.07
C TYR A 101 0.63 -7.36 8.77
N LYS A 102 -0.17 -7.97 7.90
CA LYS A 102 -0.54 -7.40 6.61
C LYS A 102 -2.05 -7.30 6.56
N VAL A 103 -2.57 -6.11 6.27
CA VAL A 103 -3.99 -5.89 6.05
C VAL A 103 -4.20 -5.64 4.56
N GLU A 104 -4.95 -6.49 3.85
CA GLU A 104 -5.17 -6.29 2.42
C GLU A 104 -6.64 -5.91 2.27
N ILE A 105 -6.85 -4.75 1.68
CA ILE A 105 -8.19 -4.22 1.52
C ILE A 105 -8.57 -4.37 0.05
N ASP A 106 -9.68 -5.04 -0.23
CA ASP A 106 -10.03 -5.31 -1.65
C ASP A 106 -10.74 -4.10 -2.28
N THR A 107 -9.92 -3.13 -2.62
CA THR A 107 -10.42 -1.89 -3.16
C THR A 107 -10.87 -2.09 -4.61
N LYS A 108 -10.26 -3.05 -5.31
CA LYS A 108 -10.64 -3.21 -6.76
C LYS A 108 -12.11 -3.67 -6.88
N SER A 109 -12.53 -4.64 -6.06
CA SER A 109 -13.92 -5.11 -6.12
C SER A 109 -14.90 -4.01 -5.74
N TYR A 110 -14.51 -3.15 -4.77
CA TYR A 110 -15.35 -2.03 -4.38
C TYR A 110 -15.62 -1.12 -5.58
N TRP A 111 -14.56 -0.70 -6.28
CA TRP A 111 -14.77 0.20 -7.43
C TRP A 111 -15.50 -0.48 -8.57
N LYS A 112 -15.17 -1.75 -8.82
CA LYS A 112 -15.74 -2.45 -9.98
C LYS A 112 -17.25 -2.54 -9.77
N ALA A 113 -17.68 -2.75 -8.53
CA ALA A 113 -19.12 -2.85 -8.25
C ALA A 113 -19.85 -1.52 -8.50
N LEU A 114 -19.11 -0.41 -8.47
CA LEU A 114 -19.65 0.93 -8.79
C LEU A 114 -19.44 1.28 -10.25
N GLY A 115 -18.96 0.33 -11.05
CA GLY A 115 -18.78 0.55 -12.49
C GLY A 115 -17.38 1.05 -12.90
N ILE A 116 -16.50 1.16 -11.94
CA ILE A 116 -15.20 1.83 -12.15
C ILE A 116 -14.10 0.80 -12.26
N SER A 117 -13.19 1.01 -13.21
CA SER A 117 -12.00 0.19 -13.34
C SER A 117 -10.87 0.99 -12.71
N PRO A 118 -10.52 0.65 -11.46
CA PRO A 118 -9.56 1.48 -10.74
C PRO A 118 -8.12 1.10 -11.06
N PHE A 119 -7.20 1.90 -10.56
CA PHE A 119 -5.78 1.62 -10.84
C PHE A 119 -5.26 0.45 -10.03
N HIS A 120 -5.51 0.45 -8.72
CA HIS A 120 -4.85 -0.52 -7.81
C HIS A 120 -5.61 -1.83 -7.73
N GLU A 121 -4.86 -2.91 -7.55
CA GLU A 121 -5.50 -4.21 -7.31
C GLU A 121 -6.10 -4.30 -5.91
N HIS A 122 -5.48 -3.60 -4.99
CA HIS A 122 -5.84 -3.65 -3.58
C HIS A 122 -5.09 -2.54 -2.89
N ALA A 123 -5.37 -2.32 -1.62
CA ALA A 123 -4.54 -1.44 -0.77
C ALA A 123 -3.99 -2.37 0.33
N GLU A 124 -2.67 -2.49 0.46
CA GLU A 124 -2.06 -3.35 1.48
C GLU A 124 -1.39 -2.48 2.52
N VAL A 125 -1.60 -2.79 3.80
CA VAL A 125 -0.82 -2.08 4.81
C VAL A 125 -0.05 -3.12 5.64
N VAL A 126 1.25 -2.98 5.70
CA VAL A 126 2.12 -3.94 6.43
C VAL A 126 2.86 -3.24 7.54
N PHE A 127 2.83 -3.84 8.73
CA PHE A 127 3.31 -3.13 9.94
C PHE A 127 3.71 -4.11 11.02
N THR A 128 4.70 -3.73 11.83
CA THR A 128 5.02 -4.46 13.07
C THR A 128 4.09 -3.99 14.16
N ALA A 129 3.47 -4.93 14.87
CA ALA A 129 2.53 -4.57 15.93
C ALA A 129 3.03 -5.00 17.29
N ASN A 130 2.64 -4.24 18.30
CA ASN A 130 2.91 -4.56 19.70
C ASN A 130 4.35 -4.71 20.14
N ASP A 131 5.27 -4.10 19.41
CA ASP A 131 6.69 -4.19 19.66
C ASP A 131 7.06 -3.64 21.05
N SER A 132 6.37 -2.60 21.49
CA SER A 132 6.63 -1.95 22.77
C SER A 132 5.49 -2.24 23.74
N GLY A 133 4.88 -3.40 23.58
CA GLY A 133 3.75 -3.80 24.38
C GLY A 133 2.44 -3.62 23.62
N PRO A 134 1.34 -4.10 24.19
CA PRO A 134 0.04 -4.04 23.49
C PRO A 134 -0.41 -2.60 23.17
N ARG A 135 -0.89 -2.41 21.94
CA ARG A 135 -1.50 -1.14 21.55
C ARG A 135 -2.80 -1.43 20.80
N ARG A 136 -3.63 -0.40 20.64
CA ARG A 136 -4.83 -0.49 19.80
C ARG A 136 -4.53 0.27 18.51
N TYR A 137 -4.84 -0.39 17.41
CA TYR A 137 -4.58 0.12 16.03
C TYR A 137 -5.84 0.34 15.28
N THR A 138 -6.02 1.56 14.76
CA THR A 138 -7.04 1.84 13.74
C THR A 138 -6.30 2.06 12.43
N ILE A 139 -6.59 1.22 11.44
CA ILE A 139 -5.98 1.37 10.10
C ILE A 139 -7.09 2.02 9.26
N ALA A 140 -6.88 3.26 8.81
CA ALA A 140 -7.86 3.95 7.98
C ALA A 140 -7.35 4.02 6.56
N ALA A 141 -8.24 3.87 5.61
CA ALA A 141 -7.90 3.98 4.17
C ALA A 141 -8.90 4.90 3.52
N LEU A 142 -8.41 5.85 2.70
CA LEU A 142 -9.26 6.79 1.97
C LEU A 142 -9.06 6.48 0.49
N LEU A 143 -10.14 6.12 -0.19
CA LEU A 143 -10.04 5.53 -1.54
C LEU A 143 -10.56 6.45 -2.65
N SER A 144 -9.76 6.56 -3.70
CA SER A 144 -10.20 7.15 -5.00
C SER A 144 -9.80 6.17 -6.09
N PRO A 145 -10.40 6.31 -7.28
CA PRO A 145 -10.07 5.29 -8.29
C PRO A 145 -8.59 5.16 -8.65
N TYR A 146 -7.83 6.26 -8.66
CA TYR A 146 -6.40 6.19 -8.99
C TYR A 146 -5.48 6.56 -7.86
N SER A 147 -5.98 6.57 -6.63
CA SER A 147 -5.17 6.98 -5.48
C SER A 147 -5.74 6.38 -4.23
N TYR A 148 -4.90 6.07 -3.25
CA TYR A 148 -5.41 5.85 -1.91
C TYR A 148 -4.41 6.33 -0.91
N SER A 149 -4.92 6.64 0.28
CA SER A 149 -4.05 6.96 1.40
C SER A 149 -4.41 6.05 2.53
N THR A 150 -3.42 5.79 3.34
CA THR A 150 -3.66 4.99 4.53
C THR A 150 -2.95 5.61 5.70
N THR A 151 -3.58 5.56 6.85
CA THR A 151 -3.09 6.18 8.07
CA THR A 151 -2.99 6.13 8.07
C THR A 151 -3.29 5.20 9.23
N ALA A 152 -2.37 5.20 10.17
CA ALA A 152 -2.61 4.45 11.42
C ALA A 152 -2.75 5.37 12.60
N VAL A 153 -3.73 5.11 13.47
CA VAL A 153 -3.85 5.80 14.75
C VAL A 153 -3.59 4.69 15.77
N VAL A 154 -2.56 4.89 16.56
CA VAL A 154 -2.09 3.87 17.51
C VAL A 154 -2.24 4.52 18.88
N THR A 155 -2.97 3.82 19.74
CA THR A 155 -3.19 4.31 21.08
C THR A 155 -2.81 3.26 22.15
N ASN A 156 -2.53 3.77 23.35
CA ASN A 156 -2.02 2.96 24.43
C ASN A 156 -3.12 2.80 25.48
N CYS B 42 10.83 6.58 -20.27
CA CYS B 42 10.47 5.27 -19.67
CA CYS B 42 10.48 5.30 -19.59
C CYS B 42 8.95 5.16 -19.52
N PRO B 43 8.41 3.93 -19.65
CA PRO B 43 6.96 3.82 -19.41
C PRO B 43 6.57 3.81 -17.93
N LEU B 44 7.54 3.77 -17.04
CA LEU B 44 7.28 3.64 -15.60
C LEU B 44 8.26 4.51 -14.87
N MET B 45 7.77 5.42 -14.04
CA MET B 45 8.60 6.32 -13.27
C MET B 45 7.99 6.29 -11.87
N VAL B 46 8.82 6.39 -10.87
CA VAL B 46 8.32 6.44 -9.48
C VAL B 46 8.83 7.71 -8.85
N LYS B 47 7.97 8.44 -8.14
CA LYS B 47 8.36 9.69 -7.50
C LYS B 47 7.96 9.71 -6.03
N VAL B 48 8.87 10.02 -5.12
CA VAL B 48 8.57 9.88 -3.71
C VAL B 48 8.84 11.23 -3.05
N LEU B 49 7.89 11.72 -2.23
CA LEU B 49 7.96 12.99 -1.51
CA LEU B 49 8.03 12.98 -1.50
C LEU B 49 7.87 12.79 -0.01
N ASP B 50 8.48 13.68 0.75
CA ASP B 50 8.52 13.59 2.19
C ASP B 50 7.67 14.73 2.73
N ALA B 51 6.58 14.37 3.41
CA ALA B 51 5.64 15.33 3.96
C ALA B 51 6.08 15.94 5.30
N VAL B 52 7.09 15.40 5.93
CA VAL B 52 7.65 15.94 7.16
C VAL B 52 8.64 17.04 6.85
N ARG B 53 9.52 16.81 5.88
CA ARG B 53 10.55 17.82 5.57
C ARG B 53 10.14 18.72 4.41
N GLY B 54 9.09 18.38 3.68
CA GLY B 54 8.70 19.21 2.54
C GLY B 54 9.75 19.12 1.46
N SER B 55 10.09 17.90 1.08
CA SER B 55 11.21 17.71 0.14
C SER B 55 11.01 16.46 -0.68
N PRO B 56 11.77 16.28 -1.75
CA PRO B 56 11.85 14.96 -2.33
C PRO B 56 12.39 13.99 -1.28
N ALA B 57 11.94 12.76 -1.38
CA ALA B 57 12.49 11.69 -0.56
C ALA B 57 13.62 11.04 -1.36
N ILE B 58 14.87 11.30 -0.96
CA ILE B 58 16.08 10.94 -1.71
C ILE B 58 16.65 9.64 -1.20
N ASN B 59 17.22 8.87 -2.15
CA ASN B 59 17.86 7.57 -1.83
C ASN B 59 16.94 6.57 -1.20
N VAL B 60 15.68 6.57 -1.66
CA VAL B 60 14.70 5.59 -1.22
C VAL B 60 14.80 4.40 -2.20
N ALA B 61 14.94 3.21 -1.61
CA ALA B 61 15.01 1.97 -2.41
C ALA B 61 13.61 1.58 -2.93
N VAL B 62 13.53 1.25 -4.20
CA VAL B 62 12.30 0.88 -4.84
C VAL B 62 12.54 -0.43 -5.63
N HIS B 63 11.69 -1.43 -5.42
CA HIS B 63 11.78 -2.68 -6.13
C HIS B 63 10.50 -2.94 -6.89
N VAL B 64 10.63 -3.38 -8.12
CA VAL B 64 9.49 -3.65 -8.96
C VAL B 64 9.44 -5.13 -9.30
N PHE B 65 8.25 -5.71 -9.20
CA PHE B 65 8.03 -7.14 -9.44
C PHE B 65 6.93 -7.35 -10.45
N ARG B 66 7.01 -8.46 -11.18
CA ARG B 66 5.92 -8.87 -12.05
C ARG B 66 5.34 -10.18 -11.51
N LYS B 67 4.03 -10.31 -11.57
CA LYS B 67 3.40 -11.51 -11.05
C LYS B 67 3.61 -12.62 -12.05
N ALA B 68 4.17 -13.73 -11.56
CA ALA B 68 4.44 -14.92 -12.37
C ALA B 68 3.21 -15.82 -12.50
N ALA B 69 3.27 -16.75 -13.45
CA ALA B 69 2.17 -17.69 -13.72
C ALA B 69 1.70 -18.44 -12.47
N ASP B 70 2.62 -18.70 -11.54
CA ASP B 70 2.33 -19.39 -10.28
C ASP B 70 1.93 -18.47 -9.12
N ASP B 71 1.65 -17.20 -9.43
CA ASP B 71 1.25 -16.19 -8.43
C ASP B 71 2.36 -15.68 -7.51
N THR B 72 3.59 -16.09 -7.76
CA THR B 72 4.70 -15.54 -7.02
C THR B 72 5.16 -14.22 -7.66
N TRP B 73 5.82 -13.38 -6.87
CA TRP B 73 6.35 -12.12 -7.33
C TRP B 73 7.77 -12.26 -7.84
N GLU B 74 7.91 -12.11 -9.14
CA GLU B 74 9.21 -12.12 -9.78
C GLU B 74 9.82 -10.72 -9.87
N PRO B 75 10.93 -10.52 -9.15
CA PRO B 75 11.74 -9.30 -9.22
C PRO B 75 12.10 -8.99 -10.65
N PHE B 76 12.06 -7.72 -11.03
CA PHE B 76 12.04 -7.19 -12.42
CA PHE B 76 12.55 -7.43 -12.34
C PHE B 76 13.07 -6.03 -12.61
N ALA B 77 12.96 -5.08 -11.66
CA ALA B 77 13.75 -3.90 -11.74
C ALA B 77 13.83 -3.28 -10.35
N SER B 78 14.87 -2.50 -10.12
CA SER B 78 14.97 -1.73 -8.88
C SER B 78 15.88 -0.55 -9.03
N GLY B 79 15.86 0.34 -8.04
CA GLY B 79 16.67 1.52 -8.05
C GLY B 79 16.50 2.31 -6.77
N LYS B 80 17.20 3.43 -6.69
CA LYS B 80 17.06 4.37 -5.57
C LYS B 80 16.62 5.71 -6.11
N THR B 81 15.72 6.41 -5.41
CA THR B 81 15.28 7.72 -5.94
C THR B 81 16.44 8.70 -5.93
N SER B 82 16.40 9.57 -6.90
CA SER B 82 17.41 10.62 -7.12
C SER B 82 17.23 11.81 -6.17
N GLU B 83 18.06 12.84 -6.36
CA GLU B 83 17.93 14.08 -5.59
C GLU B 83 16.60 14.78 -5.78
N SER B 84 15.90 14.47 -6.88
CA SER B 84 14.58 15.03 -7.13
C SER B 84 13.45 14.12 -6.63
N GLY B 85 13.82 13.03 -5.97
CA GLY B 85 12.82 12.03 -5.48
C GLY B 85 12.34 11.12 -6.55
N GLU B 86 12.98 11.12 -7.72
CA GLU B 86 12.48 10.42 -8.88
C GLU B 86 13.35 9.24 -9.26
N LEU B 87 12.72 8.19 -9.76
CA LEU B 87 13.43 7.01 -10.22
C LEU B 87 12.97 6.73 -11.64
N HIS B 88 13.92 6.89 -12.57
CA HIS B 88 13.68 6.75 -14.02
C HIS B 88 14.38 5.50 -14.53
N GLY B 89 14.00 5.05 -15.72
CA GLY B 89 14.74 3.99 -16.40
C GLY B 89 14.55 2.60 -15.86
N LEU B 90 13.49 2.37 -15.09
CA LEU B 90 13.21 1.05 -14.54
C LEU B 90 13.06 0.01 -15.65
N THR B 91 12.40 0.42 -16.73
CA THR B 91 12.05 -0.57 -17.74
C THR B 91 11.97 0.09 -19.12
N THR B 92 11.61 -0.71 -20.13
CA THR B 92 11.50 -0.19 -21.49
C THR B 92 10.14 -0.57 -22.02
N GLU B 93 9.74 0.07 -23.11
CA GLU B 93 8.45 -0.20 -23.75
C GLU B 93 8.30 -1.67 -24.15
N GLU B 94 9.38 -2.29 -24.63
CA GLU B 94 9.33 -3.68 -25.06
C GLU B 94 9.07 -4.60 -23.88
N GLU B 95 9.79 -4.34 -22.78
CA GLU B 95 9.80 -5.25 -21.67
C GLU B 95 8.54 -5.14 -20.81
N PHE B 96 7.94 -3.95 -20.82
CA PHE B 96 6.85 -3.62 -19.89
C PHE B 96 5.51 -4.04 -20.53
N VAL B 97 5.34 -5.35 -20.63
CA VAL B 97 4.15 -5.91 -21.24
C VAL B 97 2.97 -5.88 -20.25
N GLU B 98 1.78 -6.18 -20.74
CA GLU B 98 0.60 -6.38 -19.85
C GLU B 98 0.90 -7.38 -18.75
N GLY B 99 0.38 -7.09 -17.56
CA GLY B 99 0.56 -8.03 -16.45
C GLY B 99 0.28 -7.28 -15.15
N ILE B 100 0.42 -7.99 -14.04
CA ILE B 100 0.20 -7.35 -12.73
C ILE B 100 1.57 -7.06 -12.18
N TYR B 101 1.77 -5.81 -11.71
CA TYR B 101 3.06 -5.34 -11.23
C TYR B 101 2.95 -4.88 -9.79
N LYS B 102 4.02 -5.06 -9.05
CA LYS B 102 4.10 -4.58 -7.68
C LYS B 102 5.31 -3.63 -7.57
N VAL B 103 5.10 -2.42 -7.04
CA VAL B 103 6.17 -1.52 -6.73
C VAL B 103 6.27 -1.47 -5.22
N GLU B 104 7.41 -1.86 -4.66
CA GLU B 104 7.63 -1.83 -3.20
C GLU B 104 8.62 -0.74 -2.87
N ILE B 105 8.18 0.21 -2.06
CA ILE B 105 8.99 1.35 -1.67
C ILE B 105 9.47 1.18 -0.23
N ASP B 106 10.78 1.21 -0.02
CA ASP B 106 11.33 0.92 1.32
C ASP B 106 11.28 2.17 2.20
N THR B 107 10.05 2.47 2.64
CA THR B 107 9.77 3.60 3.47
C THR B 107 10.36 3.46 4.86
N LYS B 108 10.42 2.24 5.39
CA LYS B 108 10.96 2.07 6.73
C LYS B 108 12.45 2.45 6.81
N SER B 109 13.25 2.04 5.83
CA SER B 109 14.68 2.43 5.77
C SER B 109 14.85 3.93 5.67
N TYR B 110 13.96 4.58 4.92
CA TYR B 110 14.04 6.04 4.78
C TYR B 110 13.85 6.76 6.14
N TRP B 111 12.75 6.41 6.83
CA TRP B 111 12.50 6.99 8.13
C TRP B 111 13.59 6.63 9.18
N LYS B 112 14.09 5.38 9.12
CA LYS B 112 15.18 5.00 10.04
C LYS B 112 16.42 5.88 9.81
N ALA B 113 16.72 6.15 8.55
CA ALA B 113 17.87 7.00 8.18
C ALA B 113 17.71 8.43 8.73
N LEU B 114 16.47 8.87 8.96
CA LEU B 114 16.19 10.19 9.48
C LEU B 114 15.97 10.22 10.98
N GLY B 115 16.08 9.06 11.64
CA GLY B 115 15.88 9.03 13.06
C GLY B 115 14.44 9.18 13.51
N ILE B 116 13.51 8.78 12.63
CA ILE B 116 12.09 9.01 12.89
C ILE B 116 11.37 7.67 12.89
N SER B 117 10.59 7.39 13.94
CA SER B 117 9.97 6.06 14.11
C SER B 117 8.86 5.93 13.08
N PRO B 118 8.92 4.89 12.23
CA PRO B 118 7.80 4.76 11.29
C PRO B 118 6.81 3.66 11.66
N PHE B 119 5.64 3.73 11.05
CA PHE B 119 4.63 2.70 11.25
C PHE B 119 4.77 1.51 10.28
N HIS B 120 4.87 1.78 9.00
CA HIS B 120 4.83 0.73 7.95
C HIS B 120 6.15 0.06 7.72
N GLU B 121 6.11 -1.20 7.32
CA GLU B 121 7.32 -1.90 6.92
C GLU B 121 7.78 -1.39 5.54
N HIS B 122 6.83 -1.00 4.71
CA HIS B 122 7.10 -0.53 3.34
C HIS B 122 5.82 0.03 2.82
N ALA B 123 5.85 0.59 1.62
CA ALA B 123 4.64 0.98 0.93
C ALA B 123 4.62 0.15 -0.35
N GLU B 124 3.59 -0.65 -0.56
CA GLU B 124 3.43 -1.43 -1.79
C GLU B 124 2.37 -0.83 -2.70
N VAL B 125 2.60 -0.86 -4.01
CA VAL B 125 1.57 -0.44 -4.95
C VAL B 125 1.40 -1.56 -5.96
N VAL B 126 0.21 -2.15 -6.08
CA VAL B 126 0.00 -3.26 -7.00
C VAL B 126 -1.05 -2.88 -8.02
N PHE B 127 -0.75 -3.09 -9.30
CA PHE B 127 -1.63 -2.62 -10.38
C PHE B 127 -1.50 -3.48 -11.61
N THR B 128 -2.58 -3.53 -12.37
CA THR B 128 -2.47 -4.15 -13.70
C THR B 128 -2.05 -3.13 -14.70
N ALA B 129 -1.04 -3.49 -15.49
CA ALA B 129 -0.52 -2.57 -16.49
C ALA B 129 -1.11 -2.84 -17.87
N ASN B 130 -1.34 -1.72 -18.56
CA ASN B 130 -1.42 -1.68 -20.02
C ASN B 130 -2.68 -2.34 -20.59
N ASP B 131 -3.64 -2.56 -19.69
CA ASP B 131 -4.92 -3.25 -19.96
C ASP B 131 -5.59 -2.83 -21.28
N SER B 132 -5.44 -1.56 -21.65
CA SER B 132 -6.07 -1.00 -22.85
C SER B 132 -5.02 -0.48 -23.82
N GLY B 133 -3.83 -1.08 -23.77
CA GLY B 133 -2.67 -0.58 -24.49
C GLY B 133 -1.58 0.00 -23.60
N PRO B 134 -0.35 0.19 -24.13
CA PRO B 134 0.77 0.77 -23.40
C PRO B 134 0.49 2.19 -22.95
N ARG B 135 0.78 2.47 -21.68
CA ARG B 135 0.64 3.83 -21.13
C ARG B 135 1.94 4.20 -20.45
N ARG B 136 2.13 5.50 -20.23
CA ARG B 136 3.21 5.95 -19.34
C ARG B 136 2.65 6.13 -17.94
N TYR B 137 3.30 5.47 -16.99
CA TYR B 137 2.83 5.46 -15.59
C TYR B 137 3.77 6.23 -14.72
N THR B 138 3.24 7.20 -13.97
CA THR B 138 4.01 7.80 -12.86
C THR B 138 3.37 7.33 -11.58
N ILE B 139 4.12 6.68 -10.71
CA ILE B 139 3.59 6.21 -9.42
C ILE B 139 4.19 7.18 -8.43
N ALA B 140 3.36 8.00 -7.80
CA ALA B 140 3.83 8.95 -6.84
C ALA B 140 3.46 8.50 -5.46
N ALA B 141 4.36 8.72 -4.52
CA ALA B 141 4.02 8.37 -3.13
C ALA B 141 4.41 9.53 -2.24
N LEU B 142 3.51 9.91 -1.33
CA LEU B 142 3.78 10.97 -0.35
C LEU B 142 3.84 10.34 1.02
N LEU B 143 4.98 10.52 1.67
CA LEU B 143 5.30 9.78 2.87
C LEU B 143 5.24 10.59 4.11
N SER B 144 4.55 10.05 5.11
CA SER B 144 4.67 10.51 6.51
C SER B 144 4.97 9.30 7.40
N PRO B 145 5.43 9.50 8.65
CA PRO B 145 5.84 8.34 9.45
C PRO B 145 4.71 7.36 9.72
N TYR B 146 3.47 7.88 9.90
CA TYR B 146 2.34 7.00 10.16
C TYR B 146 1.28 7.00 9.08
N SER B 147 1.61 7.50 7.89
CA SER B 147 0.63 7.57 6.81
C SER B 147 1.33 7.65 5.49
N TYR B 148 0.79 7.03 4.44
CA TYR B 148 1.28 7.37 3.11
C TYR B 148 0.13 7.39 2.14
N SER B 149 0.32 8.14 1.06
CA SER B 149 -0.64 8.08 -0.01
C SER B 149 0.11 7.74 -1.30
N THR B 150 -0.61 7.10 -2.21
CA THR B 150 -0.01 6.79 -3.48
C THR B 150 -1.02 7.13 -4.57
N THR B 151 -0.54 7.65 -5.69
CA THR B 151 -1.39 8.08 -6.78
CA THR B 151 -1.45 7.99 -6.80
C THR B 151 -0.74 7.64 -8.07
N ALA B 152 -1.53 7.29 -9.05
CA ALA B 152 -0.98 6.98 -10.37
C ALA B 152 -1.40 8.07 -11.31
N VAL B 153 -0.46 8.59 -12.09
CA VAL B 153 -0.75 9.50 -13.21
C VAL B 153 -0.42 8.71 -14.48
N VAL B 154 -1.45 8.47 -15.29
CA VAL B 154 -1.37 7.55 -16.41
C VAL B 154 -1.67 8.36 -17.62
N THR B 155 -0.68 8.48 -18.51
CA THR B 155 -0.84 9.37 -19.67
C THR B 155 -0.57 8.59 -20.96
N ASN B 156 -0.90 9.22 -22.10
CA ASN B 156 -0.93 8.54 -23.40
C ASN B 156 -0.03 9.20 -24.44
#